data_1F3S
#
_entry.id   1F3S
#
_cell.length_a   1.000
_cell.length_b   1.000
_cell.length_c   1.000
_cell.angle_alpha   90.00
_cell.angle_beta   90.00
_cell.angle_gamma   90.00
#
_symmetry.space_group_name_H-M   'P 1'
#
_entity_poly.entity_id   1
_entity_poly.type   'polydeoxyribonucleotide'
_entity_poly.pdbx_seq_one_letter_code
;(DG)(DG)(DG)(DT)(DT)(DC)(DA)(DG)(DG)
;
_entity_poly.pdbx_strand_id   A,B
#